data_1KK2
#
_entry.id   1KK2
#
_cell.length_a   51.870
_cell.length_b   85.660
_cell.length_c   57.330
_cell.angle_alpha   90.00
_cell.angle_beta   109.85
_cell.angle_gamma   90.00
#
_symmetry.space_group_name_H-M   'P 1 21 1'
#
loop_
_entity.id
_entity.type
_entity.pdbx_description
1 polymer eIF2gamma
2 non-polymer 'ZINC ION'
3 non-polymer 'MAGNESIUM ION'
4 non-polymer "GUANOSINE-5'-DIPHOSPHATE"
5 water water
#
_entity_poly.entity_id   1
_entity_poly.type   'polypeptide(L)'
_entity_poly.pdbx_seq_one_letter_code
;GEKRKSRQAEVNIGMVGHVDHGKTTLTKALTGVWTDTHSEELRRGITIKIGFADAEIRRCPNCGRYSTSPVCPYCGHETE
FVRRVSFIDAPGHEALMTTMLAGASLMDGAILVIAANEPCPRPQTREHLMALQIIGQKNIIIAQNKIELVDKEKALENYR
QIKEFIEGTVAENAPIIPISALHGANIDVLVKAIEDFIPTPKRDPNKPPKMLVLRSFDVNKPGTPPEKLVGGVLDGSIVQ
GKLKVGDEIEIRPGVPYEEHGRIKYEPITTEIVSLQAGGQFVEEAYPGGLVGVGTKLDPYLTKGDLMAGNVVGKPGKLPP
VWDSLRLEVHLLERVVGTEQELKVEPIKRKEVLLLNVGTARTMGLVTGLGKDEIEVKLQIPVCAEPGDRVAISRQIGSRW
RLIGYGIIKE
;
_entity_poly.pdbx_strand_id   A
#
loop_
_chem_comp.id
_chem_comp.type
_chem_comp.name
_chem_comp.formula
GDP RNA linking GUANOSINE-5'-DIPHOSPHATE 'C10 H15 N5 O11 P2'
MG non-polymer 'MAGNESIUM ION' 'Mg 2'
ZN non-polymer 'ZINC ION' 'Zn 2'
#
# COMPACT_ATOMS: atom_id res chain seq x y z
N SER A 6 16.60 11.04 -9.73
CA SER A 6 16.07 10.13 -10.79
C SER A 6 14.65 10.54 -11.18
N ARG A 7 14.01 9.69 -11.97
CA ARG A 7 12.65 9.89 -12.44
C ARG A 7 11.81 8.73 -11.90
N GLN A 8 12.07 8.33 -10.66
CA GLN A 8 11.34 7.22 -10.06
C GLN A 8 9.93 7.68 -9.69
N ALA A 9 9.06 6.74 -9.32
CA ALA A 9 7.70 7.08 -8.92
C ALA A 9 7.81 8.07 -7.77
N GLU A 10 6.91 9.06 -7.74
CA GLU A 10 6.90 10.08 -6.70
C GLU A 10 5.77 9.91 -5.69
N VAL A 11 4.72 9.20 -6.10
CA VAL A 11 3.57 8.96 -5.23
C VAL A 11 2.98 7.59 -5.50
N ASN A 12 2.34 7.02 -4.48
CA ASN A 12 1.68 5.73 -4.62
C ASN A 12 0.19 6.02 -4.56
N ILE A 13 -0.55 5.51 -5.54
CA ILE A 13 -1.98 5.73 -5.62
C ILE A 13 -2.71 4.41 -5.42
N GLY A 14 -3.53 4.36 -4.38
CA GLY A 14 -4.27 3.15 -4.10
C GLY A 14 -5.50 3.01 -4.97
N MET A 15 -5.73 1.80 -5.45
CA MET A 15 -6.90 1.52 -6.28
C MET A 15 -7.92 0.85 -5.37
N VAL A 16 -9.01 1.54 -5.08
CA VAL A 16 -10.04 1.00 -4.21
C VAL A 16 -11.41 0.91 -4.91
N GLY A 17 -12.33 0.21 -4.27
CA GLY A 17 -13.66 0.04 -4.83
C GLY A 17 -14.11 -1.40 -4.73
N HIS A 18 -15.41 -1.62 -4.91
CA HIS A 18 -16.02 -2.95 -4.83
C HIS A 18 -15.47 -3.90 -5.91
N VAL A 19 -15.36 -5.17 -5.57
CA VAL A 19 -14.86 -6.17 -6.51
C VAL A 19 -15.67 -6.13 -7.81
N ASP A 20 -14.98 -6.36 -8.93
CA ASP A 20 -15.59 -6.34 -10.26
C ASP A 20 -15.93 -4.98 -10.86
N HIS A 21 -15.73 -3.91 -10.10
CA HIS A 21 -16.04 -2.58 -10.64
C HIS A 21 -15.00 -2.04 -11.63
N GLY A 22 -13.82 -2.64 -11.66
CA GLY A 22 -12.80 -2.23 -12.62
C GLY A 22 -11.44 -1.71 -12.16
N LYS A 23 -11.10 -1.95 -10.90
CA LYS A 23 -9.81 -1.48 -10.38
C LYS A 23 -8.61 -1.98 -11.16
N THR A 24 -8.57 -3.30 -11.38
CA THR A 24 -7.48 -3.92 -12.12
C THR A 24 -7.46 -3.51 -13.59
N THR A 25 -8.63 -3.39 -14.20
CA THR A 25 -8.69 -3.01 -15.60
C THR A 25 -8.24 -1.57 -15.74
N LEU A 26 -8.59 -0.74 -14.76
CA LEU A 26 -8.18 0.67 -14.82
C LEU A 26 -6.66 0.78 -14.65
N THR A 27 -6.11 -0.04 -13.77
CA THR A 27 -4.69 -0.03 -13.52
C THR A 27 -3.93 -0.35 -14.81
N LYS A 28 -4.37 -1.40 -15.50
CA LYS A 28 -3.74 -1.79 -16.75
C LYS A 28 -3.88 -0.72 -17.83
N ALA A 29 -5.04 -0.06 -17.87
CA ALA A 29 -5.27 0.99 -18.85
C ALA A 29 -4.31 2.16 -18.61
N LEU A 30 -4.02 2.44 -17.34
CA LEU A 30 -3.11 3.52 -16.99
C LEU A 30 -1.64 3.14 -17.14
N THR A 31 -1.32 1.87 -16.88
CA THR A 31 0.07 1.43 -16.99
C THR A 31 0.45 0.93 -18.38
N GLY A 32 -0.55 0.81 -19.26
CA GLY A 32 -0.29 0.35 -20.61
C GLY A 32 -0.06 -1.14 -20.76
N VAL A 33 -0.31 -1.91 -19.71
CA VAL A 33 -0.12 -3.35 -19.76
C VAL A 33 -1.30 -4.12 -20.32
N TRP A 34 -1.12 -4.73 -21.49
CA TRP A 34 -2.18 -5.52 -22.09
C TRP A 34 -1.74 -6.97 -22.32
N THR A 35 -0.56 -7.33 -21.84
CA THR A 35 -0.03 -8.69 -21.99
C THR A 35 0.51 -9.25 -20.67
N ASP A 36 1.28 -10.34 -20.77
CA ASP A 36 1.87 -11.00 -19.60
C ASP A 36 0.78 -11.59 -18.71
N SER A 39 4.61 -14.36 -13.41
CA SER A 39 4.21 -13.06 -13.94
C SER A 39 4.83 -11.94 -13.12
N GLU A 40 4.22 -10.76 -13.19
CA GLU A 40 4.71 -9.61 -12.45
C GLU A 40 4.32 -9.75 -10.97
N GLU A 41 3.36 -10.64 -10.72
CA GLU A 41 2.89 -10.90 -9.36
C GLU A 41 3.95 -11.61 -8.54
N LEU A 42 5.17 -11.70 -9.08
CA LEU A 42 6.29 -12.33 -8.40
C LEU A 42 7.04 -11.29 -7.58
N ARG A 43 6.56 -10.05 -7.63
CA ARG A 43 7.15 -8.94 -6.89
C ARG A 43 6.13 -8.42 -5.88
N ARG A 44 5.00 -9.12 -5.80
CA ARG A 44 3.92 -8.74 -4.90
C ARG A 44 4.27 -9.12 -3.46
N GLY A 45 3.74 -8.37 -2.50
CA GLY A 45 4.01 -8.64 -1.10
C GLY A 45 3.45 -9.97 -0.61
N ILE A 46 4.06 -10.51 0.44
CA ILE A 46 3.65 -11.78 1.01
C ILE A 46 2.86 -11.55 2.30
N THR A 47 3.39 -10.67 3.16
CA THR A 47 2.74 -10.34 4.43
C THR A 47 1.48 -9.55 4.12
N ILE A 48 1.59 -8.70 3.09
CA ILE A 48 0.48 -7.89 2.61
C ILE A 48 0.49 -8.17 1.11
N LYS A 49 -0.64 -8.63 0.59
CA LYS A 49 -0.75 -8.94 -0.83
C LYS A 49 -0.84 -7.68 -1.69
N ILE A 50 0.16 -6.83 -1.54
CA ILE A 50 0.24 -5.56 -2.24
C ILE A 50 1.17 -5.59 -3.46
N GLY A 51 0.75 -4.93 -4.54
CA GLY A 51 1.54 -4.89 -5.75
C GLY A 51 1.72 -3.46 -6.26
N PHE A 52 2.86 -3.17 -6.87
CA PHE A 52 3.11 -1.84 -7.40
C PHE A 52 3.19 -1.88 -8.93
N ALA A 53 2.58 -0.90 -9.58
CA ALA A 53 2.60 -0.84 -11.04
C ALA A 53 2.80 0.62 -11.44
N ASP A 54 4.00 0.91 -11.94
CA ASP A 54 4.35 2.27 -12.34
C ASP A 54 3.78 2.71 -13.67
N ALA A 55 3.67 4.02 -13.84
CA ALA A 55 3.18 4.60 -15.09
C ALA A 55 3.77 5.98 -15.18
N GLU A 56 4.17 6.38 -16.39
CA GLU A 56 4.73 7.71 -16.58
C GLU A 56 3.64 8.63 -17.08
N ILE A 57 3.35 9.65 -16.31
CA ILE A 57 2.35 10.63 -16.70
C ILE A 57 3.04 11.63 -17.61
N ARG A 58 2.47 11.84 -18.80
CA ARG A 58 3.06 12.76 -19.76
C ARG A 58 1.98 13.66 -20.34
N ARG A 59 2.39 14.80 -20.90
CA ARG A 59 1.47 15.75 -21.50
C ARG A 59 1.85 16.07 -22.94
N CYS A 60 0.86 16.14 -23.83
CA CYS A 60 1.10 16.45 -25.23
C CYS A 60 1.22 17.95 -25.41
N PRO A 61 2.40 18.42 -25.86
CA PRO A 61 2.69 19.84 -26.08
C PRO A 61 1.72 20.44 -27.06
N ASN A 62 1.28 19.61 -28.00
CA ASN A 62 0.38 19.99 -29.06
C ASN A 62 -1.07 20.18 -28.62
N CYS A 63 -1.79 19.08 -28.43
CA CYS A 63 -3.19 19.15 -28.02
C CYS A 63 -3.37 19.44 -26.53
N GLY A 64 -2.28 19.32 -25.77
CA GLY A 64 -2.33 19.61 -24.34
C GLY A 64 -2.99 18.57 -23.44
N ARG A 65 -3.41 17.45 -24.02
CA ARG A 65 -4.07 16.40 -23.25
C ARG A 65 -3.04 15.47 -22.60
N TYR A 66 -3.37 14.95 -21.42
CA TYR A 66 -2.46 14.05 -20.71
C TYR A 66 -2.74 12.60 -21.08
N SER A 67 -1.72 11.78 -20.91
CA SER A 67 -1.82 10.35 -21.18
C SER A 67 -0.61 9.72 -20.48
N THR A 68 -0.47 8.41 -20.60
CA THR A 68 0.66 7.74 -19.98
C THR A 68 1.50 7.05 -21.06
N SER A 69 1.50 7.63 -22.25
CA SER A 69 2.26 7.09 -23.39
C SER A 69 3.22 8.13 -23.95
N PRO A 70 4.39 7.69 -24.46
CA PRO A 70 5.36 8.62 -25.03
C PRO A 70 4.79 9.17 -26.34
N VAL A 71 3.77 8.49 -26.86
CA VAL A 71 3.10 8.88 -28.09
C VAL A 71 1.66 9.26 -27.74
N CYS A 72 1.27 10.50 -28.02
CA CYS A 72 -0.08 10.95 -27.70
C CYS A 72 -1.15 10.12 -28.40
N PRO A 73 -2.03 9.47 -27.62
CA PRO A 73 -3.10 8.64 -28.18
C PRO A 73 -4.10 9.44 -29.01
N TYR A 74 -4.13 10.76 -28.82
CA TYR A 74 -5.09 11.58 -29.51
C TYR A 74 -4.66 12.27 -30.81
N CYS A 75 -3.42 12.70 -30.90
CA CYS A 75 -2.97 13.33 -32.14
C CYS A 75 -1.77 12.58 -32.74
N GLY A 76 -1.10 11.78 -31.92
CA GLY A 76 0.03 11.02 -32.41
C GLY A 76 1.40 11.60 -32.07
N HIS A 77 1.46 12.89 -31.77
CA HIS A 77 2.72 13.54 -31.43
C HIS A 77 3.38 12.92 -30.20
N GLU A 78 4.66 13.24 -29.99
CA GLU A 78 5.40 12.73 -28.85
C GLU A 78 5.13 13.61 -27.63
N THR A 79 4.86 12.98 -26.49
CA THR A 79 4.56 13.71 -25.27
C THR A 79 5.77 14.03 -24.40
N GLU A 80 5.59 14.97 -23.49
CA GLU A 80 6.65 15.39 -22.58
C GLU A 80 6.46 14.71 -21.22
N PHE A 81 7.56 14.35 -20.58
CA PHE A 81 7.53 13.71 -19.27
C PHE A 81 7.08 14.69 -18.20
N VAL A 82 6.16 14.25 -17.35
CA VAL A 82 5.68 15.11 -16.27
C VAL A 82 6.02 14.54 -14.91
N ARG A 83 5.70 13.27 -14.72
CA ARG A 83 5.93 12.63 -13.43
C ARG A 83 5.65 11.14 -13.51
N ARG A 84 6.37 10.36 -12.71
CA ARG A 84 6.15 8.93 -12.68
C ARG A 84 5.36 8.65 -11.40
N VAL A 85 4.36 7.77 -11.49
CA VAL A 85 3.56 7.43 -10.32
C VAL A 85 3.48 5.91 -10.22
N SER A 86 2.98 5.41 -9.09
CA SER A 86 2.85 3.98 -8.92
C SER A 86 1.46 3.68 -8.38
N PHE A 87 0.80 2.68 -8.97
CA PHE A 87 -0.54 2.29 -8.54
C PHE A 87 -0.49 1.02 -7.71
N ILE A 88 -1.17 1.02 -6.58
CA ILE A 88 -1.22 -0.15 -5.71
C ILE A 88 -2.56 -0.81 -5.93
N ASP A 89 -2.53 -2.02 -6.50
CA ASP A 89 -3.76 -2.76 -6.78
C ASP A 89 -3.64 -4.15 -6.17
N ALA A 90 -4.61 -4.51 -5.34
CA ALA A 90 -4.62 -5.81 -4.67
C ALA A 90 -5.83 -6.69 -5.01
N PRO A 91 -5.63 -8.01 -4.96
CA PRO A 91 -6.58 -9.10 -5.23
C PRO A 91 -7.96 -9.03 -4.60
N GLY A 92 -8.04 -9.04 -3.29
CA GLY A 92 -9.34 -9.02 -2.65
C GLY A 92 -9.62 -7.92 -1.66
N HIS A 93 -10.90 -7.77 -1.35
CA HIS A 93 -11.38 -6.76 -0.42
C HIS A 93 -10.53 -6.75 0.86
N GLU A 94 -10.43 -7.91 1.51
CA GLU A 94 -9.67 -8.05 2.74
C GLU A 94 -8.22 -7.56 2.67
N ALA A 95 -7.48 -8.04 1.69
CA ALA A 95 -6.08 -7.65 1.53
C ALA A 95 -5.93 -6.14 1.41
N LEU A 96 -6.87 -5.54 0.70
CA LEU A 96 -6.85 -4.10 0.47
C LEU A 96 -7.10 -3.32 1.76
N MET A 97 -8.14 -3.72 2.49
CA MET A 97 -8.51 -3.09 3.75
C MET A 97 -7.35 -3.18 4.73
N THR A 98 -6.75 -4.37 4.81
CA THR A 98 -5.64 -4.60 5.72
C THR A 98 -4.45 -3.71 5.35
N THR A 99 -4.21 -3.55 4.05
CA THR A 99 -3.10 -2.73 3.57
C THR A 99 -3.22 -1.29 3.98
N MET A 100 -4.43 -0.73 3.85
CA MET A 100 -4.64 0.67 4.24
C MET A 100 -4.51 0.88 5.74
N LEU A 101 -5.10 -0.01 6.54
CA LEU A 101 -5.02 0.12 7.99
C LEU A 101 -3.62 -0.13 8.55
N ALA A 102 -2.90 -1.10 7.98
CA ALA A 102 -1.55 -1.42 8.44
C ALA A 102 -0.48 -0.48 7.92
N GLY A 103 -0.62 -0.06 6.67
CA GLY A 103 0.38 0.82 6.08
C GLY A 103 -0.14 2.02 5.30
N ALA A 104 -0.75 2.95 6.02
CA ALA A 104 -1.28 4.16 5.39
C ALA A 104 -0.11 4.95 4.81
N SER A 105 1.07 4.79 5.41
CA SER A 105 2.27 5.49 4.97
C SER A 105 2.69 5.05 3.56
N LEU A 106 2.01 4.05 3.03
CA LEU A 106 2.31 3.55 1.69
C LEU A 106 1.51 4.26 0.60
N MET A 107 0.48 5.01 1.00
CA MET A 107 -0.39 5.70 0.04
C MET A 107 -0.36 7.21 0.12
N ASP A 108 -0.27 7.87 -1.04
CA ASP A 108 -0.25 9.32 -1.10
C ASP A 108 -1.59 9.84 -1.62
N GLY A 109 -2.41 8.91 -2.13
CA GLY A 109 -3.71 9.26 -2.64
C GLY A 109 -4.47 8.01 -3.05
N ALA A 110 -5.68 8.18 -3.57
CA ALA A 110 -6.44 7.02 -3.98
C ALA A 110 -7.46 7.31 -5.07
N ILE A 111 -7.72 6.28 -5.85
CA ILE A 111 -8.73 6.35 -6.91
C ILE A 111 -9.79 5.34 -6.51
N LEU A 112 -10.98 5.84 -6.22
CA LEU A 112 -12.08 4.98 -5.84
C LEU A 112 -12.85 4.67 -7.11
N VAL A 113 -12.88 3.40 -7.49
CA VAL A 113 -13.58 2.98 -8.69
C VAL A 113 -15.02 2.58 -8.36
N ILE A 114 -15.99 3.23 -9.01
CA ILE A 114 -17.40 2.93 -8.79
C ILE A 114 -18.07 2.67 -10.14
N ALA A 115 -18.60 1.47 -10.33
CA ALA A 115 -19.24 1.11 -11.59
C ALA A 115 -20.64 1.73 -11.74
N ALA A 116 -20.83 2.48 -12.81
CA ALA A 116 -22.08 3.17 -13.09
C ALA A 116 -23.31 2.26 -13.20
N ASN A 117 -23.10 0.99 -13.53
CA ASN A 117 -24.20 0.06 -13.70
C ASN A 117 -24.53 -0.79 -12.48
N GLU A 118 -24.00 -0.42 -11.33
CA GLU A 118 -24.26 -1.15 -10.10
C GLU A 118 -25.07 -0.30 -9.13
N PRO A 119 -25.95 -0.93 -8.33
CA PRO A 119 -26.73 -0.12 -7.38
C PRO A 119 -25.75 0.45 -6.35
N CYS A 120 -25.95 1.69 -5.97
CA CYS A 120 -25.03 2.32 -5.02
C CYS A 120 -25.63 2.49 -3.63
N PRO A 121 -24.79 2.34 -2.60
CA PRO A 121 -23.37 2.02 -2.75
C PRO A 121 -23.26 0.58 -2.30
N ARG A 122 -22.16 -0.08 -2.61
CA ARG A 122 -22.07 -1.45 -2.18
C ARG A 122 -21.24 -1.56 -0.91
N PRO A 123 -21.50 -2.61 -0.11
CA PRO A 123 -20.79 -2.86 1.16
C PRO A 123 -19.28 -2.62 1.09
N GLN A 124 -18.62 -3.22 0.12
CA GLN A 124 -17.18 -3.06 -0.02
C GLN A 124 -16.77 -1.60 -0.22
N THR A 125 -17.46 -0.90 -1.10
CA THR A 125 -17.16 0.50 -1.38
C THR A 125 -17.25 1.28 -0.07
N ARG A 126 -18.29 0.96 0.71
CA ARG A 126 -18.51 1.62 1.98
C ARG A 126 -17.35 1.37 2.93
N GLU A 127 -16.85 0.13 2.95
CA GLU A 127 -15.74 -0.20 3.83
C GLU A 127 -14.41 0.44 3.39
N HIS A 128 -14.22 0.59 2.09
CA HIS A 128 -12.99 1.19 1.59
C HIS A 128 -12.92 2.67 1.99
N LEU A 129 -14.03 3.38 1.85
CA LEU A 129 -14.09 4.79 2.24
C LEU A 129 -13.85 4.90 3.74
N MET A 130 -14.38 3.93 4.48
CA MET A 130 -14.23 3.88 5.94
C MET A 130 -12.74 3.77 6.26
N ALA A 131 -12.03 2.91 5.54
CA ALA A 131 -10.60 2.77 5.76
C ALA A 131 -9.90 4.09 5.45
N LEU A 132 -10.22 4.69 4.30
CA LEU A 132 -9.60 5.97 3.94
C LEU A 132 -9.91 7.04 4.99
N GLN A 133 -11.12 6.98 5.55
CA GLN A 133 -11.56 7.92 6.57
C GLN A 133 -10.68 7.73 7.81
N ILE A 134 -10.53 6.48 8.22
CA ILE A 134 -9.73 6.15 9.38
C ILE A 134 -8.27 6.62 9.24
N ILE A 135 -7.65 6.39 8.10
CA ILE A 135 -6.25 6.79 7.96
C ILE A 135 -6.06 8.23 7.53
N GLY A 136 -7.16 8.96 7.32
CA GLY A 136 -7.07 10.36 6.95
C GLY A 136 -6.51 10.64 5.56
N GLN A 137 -6.75 9.73 4.62
CA GLN A 137 -6.28 9.92 3.25
C GLN A 137 -7.37 10.70 2.49
N LYS A 138 -7.09 11.94 2.15
CA LYS A 138 -8.07 12.80 1.47
C LYS A 138 -7.79 13.13 0.00
N ASN A 139 -6.63 12.74 -0.51
CA ASN A 139 -6.30 13.01 -1.91
C ASN A 139 -6.98 11.91 -2.73
N ILE A 140 -8.28 12.07 -2.90
CA ILE A 140 -9.11 11.09 -3.59
C ILE A 140 -9.70 11.51 -4.92
N ILE A 141 -9.74 10.57 -5.85
CA ILE A 141 -10.33 10.80 -7.15
C ILE A 141 -11.32 9.66 -7.33
N ILE A 142 -12.50 9.96 -7.86
CA ILE A 142 -13.50 8.92 -8.09
C ILE A 142 -13.63 8.62 -9.57
N ALA A 143 -13.54 7.33 -9.91
CA ALA A 143 -13.67 6.93 -11.31
C ALA A 143 -15.01 6.24 -11.51
N GLN A 144 -15.96 6.91 -12.15
CA GLN A 144 -17.27 6.34 -12.42
C GLN A 144 -17.06 5.47 -13.67
N ASN A 145 -16.76 4.20 -13.43
CA ASN A 145 -16.45 3.26 -14.49
C ASN A 145 -17.62 2.59 -15.22
N LYS A 146 -17.32 2.02 -16.39
CA LYS A 146 -18.30 1.32 -17.23
C LYS A 146 -19.41 2.26 -17.67
N ILE A 147 -19.07 3.52 -17.87
CA ILE A 147 -20.04 4.53 -18.26
C ILE A 147 -20.77 4.22 -19.57
N GLU A 148 -20.12 3.45 -20.45
CA GLU A 148 -20.75 3.13 -21.72
C GLU A 148 -21.87 2.10 -21.58
N LEU A 149 -22.03 1.53 -20.39
CA LEU A 149 -23.07 0.52 -20.17
C LEU A 149 -24.41 1.07 -19.67
N VAL A 150 -24.53 2.38 -19.57
CA VAL A 150 -25.79 2.96 -19.10
C VAL A 150 -26.15 4.18 -19.94
N ASP A 151 -27.44 4.49 -20.04
CA ASP A 151 -27.88 5.64 -20.81
C ASP A 151 -27.57 6.91 -20.02
N LYS A 152 -27.79 8.06 -20.64
CA LYS A 152 -27.50 9.33 -20.00
C LYS A 152 -28.22 9.54 -18.67
N GLU A 153 -29.47 9.09 -18.58
CA GLU A 153 -30.24 9.25 -17.35
C GLU A 153 -29.66 8.44 -16.19
N LYS A 154 -29.39 7.16 -16.44
CA LYS A 154 -28.83 6.29 -15.41
C LYS A 154 -27.52 6.91 -14.94
N ALA A 155 -26.71 7.34 -15.91
CA ALA A 155 -25.41 7.95 -15.65
C ALA A 155 -25.48 9.13 -14.72
N LEU A 156 -26.38 10.07 -15.00
CA LEU A 156 -26.53 11.25 -14.16
C LEU A 156 -27.06 10.87 -12.79
N GLU A 157 -27.98 9.91 -12.75
CA GLU A 157 -28.57 9.47 -11.50
C GLU A 157 -27.50 8.81 -10.64
N ASN A 158 -26.67 7.98 -11.25
CA ASN A 158 -25.61 7.31 -10.51
C ASN A 158 -24.67 8.36 -9.94
N TYR A 159 -24.40 9.40 -10.73
CA TYR A 159 -23.53 10.50 -10.31
C TYR A 159 -24.09 11.15 -9.04
N ARG A 160 -25.39 11.41 -9.03
CA ARG A 160 -26.01 12.04 -7.86
C ARG A 160 -25.86 11.16 -6.62
N GLN A 161 -26.02 9.85 -6.79
CA GLN A 161 -25.89 8.93 -5.66
C GLN A 161 -24.47 8.99 -5.09
N ILE A 162 -23.49 9.10 -5.98
CA ILE A 162 -22.10 9.17 -5.55
C ILE A 162 -21.87 10.45 -4.75
N LYS A 163 -22.34 11.57 -5.28
CA LYS A 163 -22.17 12.85 -4.60
C LYS A 163 -22.80 12.79 -3.21
N GLU A 164 -23.97 12.18 -3.13
CA GLU A 164 -24.68 12.03 -1.86
C GLU A 164 -23.85 11.14 -0.94
N PHE A 165 -23.35 10.04 -1.51
CA PHE A 165 -22.54 9.07 -0.79
C PHE A 165 -21.24 9.64 -0.19
N ILE A 166 -20.56 10.52 -0.94
CA ILE A 166 -19.31 11.07 -0.43
C ILE A 166 -19.42 12.28 0.49
N GLU A 167 -20.60 12.87 0.60
CA GLU A 167 -20.76 14.04 1.45
C GLU A 167 -20.37 13.76 2.90
N GLY A 168 -19.58 14.65 3.47
CA GLY A 168 -19.16 14.50 4.84
C GLY A 168 -17.93 13.63 5.05
N THR A 169 -17.54 12.88 4.02
CA THR A 169 -16.39 12.00 4.12
C THR A 169 -15.08 12.62 3.63
N VAL A 170 -13.99 11.86 3.73
CA VAL A 170 -12.70 12.34 3.26
C VAL A 170 -12.72 12.46 1.74
N ALA A 171 -13.76 11.92 1.10
CA ALA A 171 -13.87 11.99 -0.36
C ALA A 171 -14.84 13.08 -0.85
N GLU A 172 -15.32 13.92 0.08
CA GLU A 172 -16.28 14.95 -0.27
C GLU A 172 -15.84 15.91 -1.38
N ASN A 173 -14.55 16.23 -1.42
CA ASN A 173 -14.02 17.14 -2.42
C ASN A 173 -13.48 16.44 -3.65
N ALA A 174 -13.73 15.14 -3.77
CA ALA A 174 -13.22 14.39 -4.90
C ALA A 174 -13.97 14.59 -6.21
N PRO A 175 -13.24 14.71 -7.32
CA PRO A 175 -13.91 14.89 -8.62
C PRO A 175 -14.46 13.53 -9.03
N ILE A 176 -15.57 13.52 -9.75
CA ILE A 176 -16.15 12.26 -10.21
C ILE A 176 -15.93 12.23 -11.72
N ILE A 177 -15.11 11.29 -12.19
CA ILE A 177 -14.78 11.21 -13.60
C ILE A 177 -15.36 10.01 -14.35
N PRO A 178 -16.31 10.27 -15.26
CA PRO A 178 -16.98 9.23 -16.07
C PRO A 178 -15.96 8.66 -17.03
N ILE A 179 -15.76 7.34 -16.99
CA ILE A 179 -14.79 6.70 -17.87
C ILE A 179 -15.20 5.29 -18.24
N SER A 180 -14.41 4.69 -19.11
CA SER A 180 -14.56 3.31 -19.49
C SER A 180 -13.13 2.80 -19.44
N ALA A 181 -12.79 2.10 -18.37
CA ALA A 181 -11.45 1.56 -18.21
C ALA A 181 -11.14 0.56 -19.33
N LEU A 182 -12.11 -0.29 -19.65
CA LEU A 182 -11.93 -1.30 -20.68
C LEU A 182 -11.67 -0.74 -22.07
N HIS A 183 -12.42 0.29 -22.47
CA HIS A 183 -12.26 0.88 -23.79
C HIS A 183 -11.37 2.12 -23.80
N GLY A 184 -10.83 2.46 -22.64
CA GLY A 184 -9.96 3.62 -22.52
C GLY A 184 -10.64 4.91 -22.90
N ALA A 185 -11.87 5.11 -22.43
CA ALA A 185 -12.62 6.31 -22.74
C ALA A 185 -12.51 7.37 -21.65
N ASN A 186 -12.23 8.60 -22.06
CA ASN A 186 -12.12 9.75 -21.17
C ASN A 186 -10.99 9.60 -20.14
N ILE A 187 -10.01 8.76 -20.46
CA ILE A 187 -8.88 8.51 -19.58
C ILE A 187 -7.99 9.73 -19.38
N ASP A 188 -7.87 10.56 -20.42
CA ASP A 188 -7.03 11.74 -20.34
C ASP A 188 -7.50 12.69 -19.25
N VAL A 189 -8.81 12.76 -19.06
CA VAL A 189 -9.37 13.61 -18.03
C VAL A 189 -8.97 13.07 -16.66
N LEU A 190 -8.98 11.74 -16.52
CA LEU A 190 -8.59 11.12 -15.26
C LEU A 190 -7.10 11.35 -14.97
N VAL A 191 -6.25 11.18 -15.98
CA VAL A 191 -4.82 11.39 -15.78
C VAL A 191 -4.60 12.84 -15.35
N LYS A 192 -5.33 13.76 -15.98
CA LYS A 192 -5.22 15.17 -15.63
C LYS A 192 -5.61 15.34 -14.16
N ALA A 193 -6.66 14.65 -13.73
CA ALA A 193 -7.12 14.73 -12.35
C ALA A 193 -6.07 14.20 -11.36
N ILE A 194 -5.32 13.19 -11.77
CA ILE A 194 -4.28 12.63 -10.91
C ILE A 194 -3.26 13.73 -10.61
N GLU A 195 -2.93 14.52 -11.62
CA GLU A 195 -1.99 15.62 -11.44
C GLU A 195 -2.55 16.74 -10.57
N ASP A 196 -3.84 17.03 -10.73
CA ASP A 196 -4.47 18.09 -9.95
C ASP A 196 -4.94 17.72 -8.55
N PHE A 197 -5.31 16.47 -8.33
CA PHE A 197 -5.79 16.09 -7.00
C PHE A 197 -4.86 15.19 -6.19
N ILE A 198 -3.84 14.63 -6.83
CA ILE A 198 -2.90 13.79 -6.10
C ILE A 198 -1.50 14.32 -6.38
N PRO A 199 -1.19 15.53 -5.88
CA PRO A 199 0.10 16.18 -6.05
C PRO A 199 1.17 15.44 -5.27
N THR A 200 2.42 15.55 -5.71
CA THR A 200 3.51 14.91 -4.99
C THR A 200 3.66 15.70 -3.71
N PRO A 201 3.53 15.04 -2.55
CA PRO A 201 3.67 15.79 -1.30
C PRO A 201 5.05 16.42 -1.12
N LYS A 202 5.10 17.51 -0.35
CA LYS A 202 6.38 18.18 -0.08
C LYS A 202 7.01 17.45 1.10
N ARG A 203 7.88 16.49 0.81
CA ARG A 203 8.53 15.71 1.86
C ARG A 203 9.87 16.29 2.28
N ASP A 204 10.21 16.12 3.55
CA ASP A 204 11.49 16.60 4.07
C ASP A 204 12.52 15.49 3.83
N PRO A 205 13.31 15.61 2.74
CA PRO A 205 14.32 14.60 2.41
C PRO A 205 15.37 14.40 3.49
N ASN A 206 15.31 15.22 4.53
CA ASN A 206 16.28 15.15 5.62
C ASN A 206 15.85 14.35 6.85
N LYS A 207 14.59 13.96 6.91
CA LYS A 207 14.14 13.17 8.04
C LYS A 207 14.89 11.84 7.98
N PRO A 208 15.07 11.17 9.12
CA PRO A 208 15.78 9.89 9.15
C PRO A 208 15.12 8.91 8.19
N PRO A 209 15.91 8.22 7.36
CA PRO A 209 15.35 7.26 6.42
C PRO A 209 14.68 6.07 7.07
N LYS A 210 13.60 5.60 6.45
CA LYS A 210 12.87 4.45 6.94
C LYS A 210 12.26 3.74 5.76
N MET A 211 12.58 2.46 5.63
CA MET A 211 12.04 1.64 4.54
C MET A 211 11.38 0.41 5.12
N LEU A 212 10.19 0.09 4.63
CA LEU A 212 9.47 -1.08 5.09
C LEU A 212 9.78 -2.19 4.09
N VAL A 213 10.40 -3.26 4.56
CA VAL A 213 10.74 -4.33 3.65
C VAL A 213 9.53 -5.19 3.29
N LEU A 214 9.36 -5.35 1.99
CA LEU A 214 8.26 -6.11 1.44
C LEU A 214 8.69 -7.54 1.10
N ARG A 215 9.84 -7.64 0.44
CA ARG A 215 10.38 -8.93 0.03
C ARG A 215 11.90 -8.93 0.17
N SER A 216 12.51 -10.12 0.27
CA SER A 216 13.96 -10.23 0.36
C SER A 216 14.37 -11.44 -0.46
N PHE A 217 15.49 -11.32 -1.18
CA PHE A 217 15.96 -12.42 -2.02
C PHE A 217 17.46 -12.62 -2.04
N ASP A 218 17.84 -13.70 -2.72
CA ASP A 218 19.21 -14.07 -2.98
C ASP A 218 19.12 -14.16 -4.51
N VAL A 219 19.56 -13.12 -5.19
CA VAL A 219 19.48 -13.07 -6.65
C VAL A 219 20.54 -13.87 -7.41
N ASN A 220 21.56 -14.34 -6.71
CA ASN A 220 22.62 -15.11 -7.35
C ASN A 220 22.04 -16.40 -7.93
N LYS A 221 22.02 -16.48 -9.27
CA LYS A 221 21.48 -17.65 -9.97
C LYS A 221 22.02 -18.98 -9.44
N PRO A 222 21.22 -20.05 -9.57
CA PRO A 222 21.54 -21.41 -9.10
C PRO A 222 23.04 -21.75 -9.15
N GLY A 223 23.45 -22.47 -10.19
CA GLY A 223 24.83 -22.85 -10.34
C GLY A 223 25.44 -23.43 -9.08
N LEU A 229 29.66 -13.35 -6.56
CA LEU A 229 28.44 -13.32 -5.76
C LEU A 229 28.09 -11.91 -5.28
N VAL A 230 26.80 -11.64 -5.20
CA VAL A 230 26.31 -10.35 -4.75
C VAL A 230 25.54 -10.55 -3.45
N GLY A 231 25.57 -9.54 -2.59
CA GLY A 231 24.88 -9.61 -1.31
C GLY A 231 23.37 -9.71 -1.41
N GLY A 232 22.71 -9.95 -0.29
CA GLY A 232 21.26 -10.07 -0.29
C GLY A 232 20.57 -8.82 -0.77
N VAL A 233 19.37 -8.99 -1.32
CA VAL A 233 18.58 -7.87 -1.82
C VAL A 233 17.26 -7.72 -1.07
N LEU A 234 16.94 -6.49 -0.70
CA LEU A 234 15.70 -6.20 0.02
C LEU A 234 14.83 -5.32 -0.87
N ASP A 235 13.59 -5.73 -1.10
CA ASP A 235 12.66 -4.94 -1.90
C ASP A 235 11.62 -4.33 -0.96
N GLY A 236 11.42 -3.02 -1.05
CA GLY A 236 10.48 -2.38 -0.17
C GLY A 236 10.08 -0.97 -0.51
N SER A 237 9.37 -0.33 0.41
CA SER A 237 8.88 1.03 0.25
C SER A 237 9.53 1.99 1.23
N ILE A 238 10.11 3.06 0.70
CA ILE A 238 10.73 4.09 1.53
C ILE A 238 9.59 5.02 1.93
N VAL A 239 9.31 5.11 3.23
CA VAL A 239 8.24 5.98 3.65
C VAL A 239 8.73 7.28 4.26
N GLN A 240 10.04 7.45 4.34
CA GLN A 240 10.59 8.66 4.93
C GLN A 240 12.06 8.83 4.56
N GLY A 241 12.50 10.07 4.42
CA GLY A 241 13.88 10.33 4.07
C GLY A 241 14.27 9.78 2.71
N LYS A 242 15.50 9.29 2.60
CA LYS A 242 15.97 8.75 1.34
C LYS A 242 17.11 7.79 1.59
N LEU A 243 17.40 6.95 0.61
CA LEU A 243 18.50 5.99 0.70
C LEU A 243 19.52 6.33 -0.38
N LYS A 244 20.79 6.09 -0.07
CA LYS A 244 21.86 6.40 -1.00
C LYS A 244 22.90 5.29 -1.02
N VAL A 245 23.41 4.97 -2.21
CA VAL A 245 24.44 3.94 -2.32
C VAL A 245 25.58 4.34 -1.40
N GLY A 246 26.15 3.37 -0.70
CA GLY A 246 27.24 3.67 0.22
C GLY A 246 26.72 3.92 1.63
N ASP A 247 25.41 4.05 1.77
CA ASP A 247 24.78 4.27 3.06
C ASP A 247 24.91 3.04 3.95
N GLU A 248 25.14 3.28 5.24
CA GLU A 248 25.22 2.19 6.21
C GLU A 248 23.81 2.10 6.76
N ILE A 249 23.25 0.90 6.83
CA ILE A 249 21.89 0.73 7.33
C ILE A 249 21.74 -0.36 8.37
N GLU A 250 20.74 -0.21 9.23
CA GLU A 250 20.44 -1.20 10.25
C GLU A 250 19.06 -1.77 9.92
N ILE A 251 18.90 -3.07 10.14
CA ILE A 251 17.64 -3.75 9.85
C ILE A 251 17.10 -4.38 11.12
N ARG A 252 15.85 -4.04 11.46
CA ARG A 252 15.17 -4.56 12.66
C ARG A 252 13.82 -5.18 12.31
N PRO A 253 13.40 -6.21 13.06
CA PRO A 253 14.05 -6.83 14.23
C PRO A 253 15.38 -7.51 13.92
N GLY A 254 15.60 -7.91 12.67
CA GLY A 254 16.88 -8.53 12.33
C GLY A 254 16.91 -10.03 12.16
N VAL A 255 18.09 -10.61 12.38
CA VAL A 255 18.31 -12.04 12.23
C VAL A 255 17.92 -12.84 13.47
N PRO A 256 17.15 -13.91 13.28
CA PRO A 256 16.70 -14.76 14.39
C PRO A 256 17.80 -15.74 14.84
N TYR A 257 17.83 -16.03 16.14
CA TYR A 257 18.79 -16.97 16.67
C TYR A 257 18.18 -17.62 17.90
N GLU A 258 18.79 -18.69 18.37
CA GLU A 258 18.27 -19.42 19.51
C GLU A 258 19.12 -19.20 20.75
N GLU A 259 18.45 -18.96 21.88
CA GLU A 259 19.14 -18.76 23.14
C GLU A 259 18.30 -19.42 24.21
N HIS A 260 18.87 -20.41 24.88
CA HIS A 260 18.15 -21.14 25.92
C HIS A 260 16.83 -21.67 25.38
N GLY A 261 16.89 -22.27 24.19
CA GLY A 261 15.71 -22.86 23.57
C GLY A 261 14.69 -21.88 23.05
N ARG A 262 14.90 -20.58 23.23
CA ARG A 262 13.96 -19.58 22.76
C ARG A 262 14.51 -18.79 21.58
N ILE A 263 13.61 -18.20 20.81
CA ILE A 263 13.99 -17.41 19.64
C ILE A 263 14.17 -15.94 20.01
N LYS A 264 15.27 -15.34 19.56
CA LYS A 264 15.53 -13.93 19.78
C LYS A 264 15.97 -13.36 18.43
N TYR A 265 15.93 -12.03 18.31
CA TYR A 265 16.30 -11.39 17.06
C TYR A 265 17.41 -10.38 17.26
N GLU A 266 18.38 -10.42 16.37
CA GLU A 266 19.52 -9.54 16.44
C GLU A 266 19.52 -8.51 15.33
N PRO A 267 19.36 -7.23 15.67
CA PRO A 267 19.37 -6.22 14.61
C PRO A 267 20.69 -6.37 13.86
N ILE A 268 20.68 -6.20 12.55
CA ILE A 268 21.91 -6.36 11.80
C ILE A 268 22.23 -5.12 10.96
N THR A 269 23.52 -4.81 10.85
CA THR A 269 23.96 -3.65 10.09
C THR A 269 24.63 -4.09 8.80
N THR A 270 24.46 -3.28 7.76
CA THR A 270 25.08 -3.58 6.47
C THR A 270 25.23 -2.31 5.68
N GLU A 271 25.62 -2.44 4.42
CA GLU A 271 25.83 -1.28 3.57
C GLU A 271 25.14 -1.43 2.23
N ILE A 272 24.61 -0.33 1.71
CA ILE A 272 23.92 -0.33 0.44
C ILE A 272 24.91 -0.30 -0.72
N VAL A 273 24.85 -1.31 -1.57
CA VAL A 273 25.73 -1.44 -2.73
C VAL A 273 25.05 -0.97 -4.01
N SER A 274 23.73 -1.13 -4.07
CA SER A 274 22.97 -0.72 -5.25
C SER A 274 21.54 -0.31 -4.90
N LEU A 275 20.89 0.34 -5.84
CA LEU A 275 19.52 0.80 -5.66
C LEU A 275 18.81 0.80 -7.00
N GLN A 276 17.68 0.09 -7.07
CA GLN A 276 16.89 0.02 -8.29
C GLN A 276 15.53 0.64 -8.01
N ALA A 277 15.15 1.60 -8.86
CA ALA A 277 13.87 2.28 -8.76
C ALA A 277 13.51 2.79 -10.14
N GLY A 278 12.23 2.71 -10.48
CA GLY A 278 11.80 3.19 -11.78
C GLY A 278 12.30 2.35 -12.95
N GLY A 279 12.76 1.14 -12.66
CA GLY A 279 13.24 0.28 -13.74
C GLY A 279 14.73 0.40 -14.05
N GLN A 280 15.48 1.02 -13.16
CA GLN A 280 16.91 1.16 -13.39
C GLN A 280 17.68 1.47 -12.11
N PHE A 281 18.98 1.22 -12.15
CA PHE A 281 19.82 1.48 -10.99
C PHE A 281 20.01 2.97 -10.83
N VAL A 282 20.02 3.43 -9.59
CA VAL A 282 20.18 4.84 -9.28
C VAL A 282 21.13 5.01 -8.11
N GLU A 283 21.48 6.26 -7.82
CA GLU A 283 22.39 6.54 -6.72
C GLU A 283 21.62 6.87 -5.44
N GLU A 284 20.43 7.44 -5.62
CA GLU A 284 19.55 7.78 -4.49
C GLU A 284 18.11 7.39 -4.82
N ALA A 285 17.41 6.87 -3.82
CA ALA A 285 16.01 6.46 -3.98
C ALA A 285 15.19 7.20 -2.94
N TYR A 286 13.92 7.47 -3.26
CA TYR A 286 13.04 8.20 -2.35
C TYR A 286 11.68 7.51 -2.25
N PRO A 287 10.75 8.10 -1.48
CA PRO A 287 9.43 7.49 -1.37
C PRO A 287 8.74 7.43 -2.74
N GLY A 288 7.91 6.42 -2.93
CA GLY A 288 7.21 6.28 -4.19
C GLY A 288 7.67 5.06 -4.95
N GLY A 289 6.74 4.12 -5.16
CA GLY A 289 7.07 2.92 -5.89
C GLY A 289 7.93 1.97 -5.09
N LEU A 290 8.33 0.88 -5.72
CA LEU A 290 9.15 -0.14 -5.09
C LEU A 290 10.62 0.19 -5.27
N VAL A 291 11.43 -0.11 -4.26
CA VAL A 291 12.86 0.15 -4.34
C VAL A 291 13.64 -1.12 -4.01
N GLY A 292 14.59 -1.45 -4.86
CA GLY A 292 15.39 -2.64 -4.63
C GLY A 292 16.71 -2.23 -4.02
N VAL A 293 16.98 -2.74 -2.83
CA VAL A 293 18.21 -2.41 -2.13
C VAL A 293 19.22 -3.56 -2.10
N GLY A 294 20.33 -3.38 -2.81
CA GLY A 294 21.37 -4.38 -2.83
C GLY A 294 22.26 -4.10 -1.64
N THR A 295 22.56 -5.13 -0.85
CA THR A 295 23.40 -4.95 0.33
C THR A 295 24.60 -5.88 0.29
N LYS A 296 25.43 -5.79 1.33
CA LYS A 296 26.61 -6.65 1.43
C LYS A 296 26.23 -7.86 2.26
N LEU A 297 24.96 -7.91 2.65
CA LEU A 297 24.44 -9.02 3.45
C LEU A 297 24.64 -10.37 2.76
N ASP A 298 24.94 -11.37 3.58
CA ASP A 298 25.12 -12.73 3.10
C ASP A 298 23.76 -13.17 2.59
N PRO A 299 23.65 -13.46 1.28
CA PRO A 299 22.42 -13.90 0.62
C PRO A 299 21.67 -14.95 1.42
N TYR A 300 22.41 -15.66 2.24
CA TYR A 300 21.85 -16.71 3.08
C TYR A 300 20.87 -16.12 4.09
N LEU A 301 21.01 -14.83 4.38
CA LEU A 301 20.16 -14.14 5.35
C LEU A 301 18.92 -13.47 4.76
N THR A 302 18.91 -13.22 3.45
CA THR A 302 17.76 -12.57 2.81
C THR A 302 16.96 -13.51 1.94
N LYS A 303 17.54 -14.67 1.65
CA LYS A 303 16.90 -15.68 0.80
C LYS A 303 15.52 -16.13 1.30
N GLY A 304 14.58 -16.31 0.38
CA GLY A 304 13.25 -16.77 0.75
C GLY A 304 12.43 -15.81 1.60
N ASP A 305 12.63 -14.50 1.40
CA ASP A 305 11.90 -13.48 2.14
C ASP A 305 12.10 -13.50 3.64
N LEU A 306 13.25 -13.98 4.09
CA LEU A 306 13.53 -14.03 5.51
C LEU A 306 13.44 -12.65 6.17
N MET A 307 13.62 -11.58 5.40
CA MET A 307 13.54 -10.26 6.01
C MET A 307 12.29 -9.46 5.65
N ALA A 308 11.32 -10.12 5.00
CA ALA A 308 10.07 -9.44 4.65
C ALA A 308 9.46 -8.94 5.95
N GLY A 309 8.93 -7.73 5.96
CA GLY A 309 8.35 -7.20 7.18
C GLY A 309 9.31 -6.42 8.06
N ASN A 310 10.61 -6.56 7.83
CA ASN A 310 11.58 -5.81 8.62
C ASN A 310 11.57 -4.34 8.23
N VAL A 311 12.22 -3.52 9.05
CA VAL A 311 12.31 -2.09 8.83
C VAL A 311 13.77 -1.71 8.64
N VAL A 312 14.02 -0.88 7.64
CA VAL A 312 15.37 -0.42 7.33
C VAL A 312 15.52 1.07 7.67
N GLY A 313 16.66 1.41 8.28
CA GLY A 313 16.94 2.79 8.62
C GLY A 313 18.42 2.98 8.90
N LYS A 314 18.82 4.21 9.24
CA LYS A 314 20.22 4.44 9.54
C LYS A 314 20.47 4.04 10.98
N PRO A 315 21.65 3.46 11.26
CA PRO A 315 22.03 3.02 12.61
C PRO A 315 21.68 4.06 13.66
N GLY A 316 21.07 3.60 14.75
CA GLY A 316 20.69 4.51 15.82
C GLY A 316 19.47 5.36 15.53
N LYS A 317 18.86 5.18 14.36
CA LYS A 317 17.69 5.98 14.01
C LYS A 317 16.53 5.15 13.46
N LEU A 318 16.15 4.11 14.18
CA LEU A 318 15.05 3.24 13.79
C LEU A 318 14.01 3.18 14.90
N PRO A 319 12.78 2.78 14.57
CA PRO A 319 11.77 2.72 15.63
C PRO A 319 12.17 1.58 16.56
N PRO A 320 11.56 1.52 17.76
CA PRO A 320 11.86 0.44 18.72
C PRO A 320 11.31 -0.88 18.21
N VAL A 321 11.71 -1.97 18.89
CA VAL A 321 11.26 -3.31 18.56
C VAL A 321 10.40 -3.76 19.75
N TRP A 322 9.24 -4.34 19.46
CA TRP A 322 8.34 -4.78 20.52
C TRP A 322 8.12 -6.28 20.57
N ASP A 323 8.16 -6.84 21.78
CA ASP A 323 7.91 -8.26 22.00
C ASP A 323 6.43 -8.42 22.33
N SER A 324 5.83 -7.33 22.81
CA SER A 324 4.40 -7.31 23.15
C SER A 324 3.89 -5.88 22.91
N LEU A 325 2.59 -5.74 22.69
CA LEU A 325 2.02 -4.43 22.43
C LEU A 325 0.83 -4.11 23.31
N ARG A 326 0.74 -2.84 23.70
CA ARG A 326 -0.40 -2.36 24.47
C ARG A 326 -1.10 -1.61 23.35
N LEU A 327 -2.32 -2.00 23.03
CA LEU A 327 -3.05 -1.36 21.95
C LEU A 327 -4.36 -0.68 22.30
N GLU A 328 -4.54 0.55 21.80
CA GLU A 328 -5.79 1.28 21.97
C GLU A 328 -6.61 0.67 20.84
N VAL A 329 -7.71 0.01 21.18
CA VAL A 329 -8.52 -0.66 20.17
C VAL A 329 -9.75 0.08 19.66
N HIS A 330 -9.95 0.02 18.35
CA HIS A 330 -11.07 0.64 17.68
C HIS A 330 -11.65 -0.47 16.80
N LEU A 331 -12.74 -1.09 17.23
CA LEU A 331 -13.34 -2.17 16.45
C LEU A 331 -14.17 -1.66 15.29
N LEU A 332 -14.18 -2.42 14.20
CA LEU A 332 -14.92 -2.04 13.00
C LEU A 332 -16.43 -2.34 13.07
N GLU A 333 -17.25 -1.61 12.30
CA GLU A 333 -18.67 -1.90 12.27
C GLU A 333 -18.76 -3.30 11.71
N ARG A 334 -18.53 -3.22 10.40
CA ARG A 334 -18.50 -4.24 9.44
C ARG A 334 -19.87 -4.82 9.11
N VAL A 335 -20.13 -4.43 7.88
CA VAL A 335 -21.29 -4.67 7.07
C VAL A 335 -21.05 -5.75 5.97
N VAL A 336 -19.79 -5.97 5.58
CA VAL A 336 -19.49 -6.97 4.54
C VAL A 336 -19.22 -8.36 5.14
N GLU A 339 -20.63 -12.79 4.85
CA GLU A 339 -21.82 -13.63 5.09
C GLU A 339 -22.33 -13.40 6.51
N GLN A 340 -23.19 -12.39 6.67
CA GLN A 340 -23.75 -12.03 7.96
C GLN A 340 -22.57 -11.78 8.90
N GLU A 341 -22.53 -12.50 10.02
CA GLU A 341 -21.46 -12.36 11.00
C GLU A 341 -20.89 -10.95 11.06
N LEU A 342 -21.74 -9.95 10.89
CA LEU A 342 -21.32 -8.57 10.91
C LEU A 342 -20.88 -8.14 12.30
N LYS A 343 -21.69 -8.47 13.30
CA LYS A 343 -21.38 -8.09 14.68
C LYS A 343 -20.03 -8.61 15.18
N VAL A 344 -19.13 -7.69 15.48
CA VAL A 344 -17.81 -8.04 15.97
C VAL A 344 -17.83 -8.24 17.48
N GLU A 345 -17.63 -9.48 17.91
CA GLU A 345 -17.63 -9.81 19.33
C GLU A 345 -16.43 -9.17 20.00
N PRO A 346 -16.58 -8.79 21.28
CA PRO A 346 -15.47 -8.16 22.01
C PRO A 346 -14.24 -9.07 22.07
N ILE A 347 -13.06 -8.47 22.19
CA ILE A 347 -11.83 -9.25 22.27
C ILE A 347 -11.66 -9.82 23.67
N LYS A 348 -11.48 -11.13 23.75
CA LYS A 348 -11.31 -11.80 25.03
C LYS A 348 -9.88 -12.21 25.31
N ARG A 349 -9.53 -12.22 26.59
CA ARG A 349 -8.20 -12.63 27.02
C ARG A 349 -7.98 -14.05 26.47
N LYS A 350 -6.74 -14.37 26.11
CA LYS A 350 -6.40 -15.69 25.57
C LYS A 350 -6.69 -15.89 24.09
N GLU A 351 -7.39 -14.95 23.47
CA GLU A 351 -7.68 -15.08 22.05
C GLU A 351 -6.38 -14.87 21.26
N VAL A 352 -6.28 -15.54 20.12
CA VAL A 352 -5.09 -15.41 19.26
C VAL A 352 -5.50 -14.62 18.03
N LEU A 353 -4.93 -13.43 17.89
CA LEU A 353 -5.25 -12.56 16.77
C LEU A 353 -4.12 -12.48 15.75
N LEU A 354 -4.43 -11.99 14.56
CA LEU A 354 -3.45 -11.80 13.51
C LEU A 354 -3.28 -10.30 13.39
N LEU A 355 -2.04 -9.84 13.55
CA LEU A 355 -1.73 -8.42 13.50
C LEU A 355 -0.87 -8.04 12.29
N ASN A 356 -1.20 -6.92 11.67
CA ASN A 356 -0.44 -6.38 10.52
C ASN A 356 -0.06 -4.97 10.90
N VAL A 357 1.23 -4.65 10.82
CA VAL A 357 1.71 -3.31 11.13
C VAL A 357 2.84 -3.02 10.12
N GLY A 358 2.62 -2.03 9.26
CA GLY A 358 3.60 -1.75 8.22
C GLY A 358 3.54 -2.97 7.31
N THR A 359 4.69 -3.54 6.97
CA THR A 359 4.70 -4.74 6.14
C THR A 359 4.91 -5.98 7.00
N ALA A 360 4.98 -5.78 8.32
CA ALA A 360 5.18 -6.89 9.24
C ALA A 360 3.85 -7.56 9.54
N ARG A 361 3.89 -8.85 9.83
CA ARG A 361 2.71 -9.64 10.12
C ARG A 361 3.07 -10.68 11.19
N THR A 362 2.24 -10.76 12.22
CA THR A 362 2.46 -11.72 13.30
C THR A 362 1.19 -12.05 14.05
N MET A 363 1.14 -13.26 14.61
CA MET A 363 -0.01 -13.67 15.40
C MET A 363 0.24 -13.10 16.79
N GLY A 364 -0.82 -12.89 17.54
CA GLY A 364 -0.65 -12.34 18.88
C GLY A 364 -1.62 -12.95 19.87
N LEU A 365 -1.12 -13.16 21.08
CA LEU A 365 -1.92 -13.73 22.15
C LEU A 365 -2.36 -12.61 23.08
N VAL A 366 -3.68 -12.46 23.25
CA VAL A 366 -4.18 -11.41 24.14
C VAL A 366 -3.90 -11.84 25.58
N THR A 367 -3.08 -11.07 26.29
CA THR A 367 -2.73 -11.41 27.66
C THR A 367 -3.41 -10.50 28.70
N GLY A 368 -4.04 -9.43 28.23
CA GLY A 368 -4.71 -8.53 29.16
C GLY A 368 -5.72 -7.63 28.46
N LEU A 369 -6.74 -7.23 29.20
CA LEU A 369 -7.79 -6.36 28.67
C LEU A 369 -7.85 -5.05 29.45
N GLY A 370 -8.15 -3.97 28.76
CA GLY A 370 -8.26 -2.67 29.41
C GLY A 370 -9.39 -1.88 28.81
N LYS A 371 -9.53 -0.62 29.20
CA LYS A 371 -10.61 0.22 28.66
C LYS A 371 -10.25 0.54 27.21
N ASP A 372 -10.99 -0.07 26.27
CA ASP A 372 -10.74 0.11 24.84
C ASP A 372 -9.28 -0.21 24.56
N GLU A 373 -8.75 -1.19 25.27
CA GLU A 373 -7.35 -1.57 25.13
C GLU A 373 -7.07 -3.04 25.41
N ILE A 374 -6.08 -3.58 24.70
CA ILE A 374 -5.68 -4.96 24.90
C ILE A 374 -4.17 -5.00 24.93
N GLU A 375 -3.64 -6.02 25.59
CA GLU A 375 -2.20 -6.21 25.68
C GLU A 375 -2.00 -7.49 24.87
N VAL A 376 -1.01 -7.50 23.98
CA VAL A 376 -0.78 -8.69 23.18
C VAL A 376 0.67 -9.13 23.11
N LYS A 377 0.91 -10.40 23.39
CA LYS A 377 2.26 -10.97 23.34
C LYS A 377 2.43 -11.42 21.90
N LEU A 378 3.49 -10.95 21.25
CA LEU A 378 3.69 -11.29 19.84
C LEU A 378 4.46 -12.57 19.61
N GLN A 379 4.09 -13.28 18.54
CA GLN A 379 4.79 -14.49 18.17
C GLN A 379 6.12 -14.05 17.56
N ILE A 380 6.09 -12.99 16.77
CA ILE A 380 7.28 -12.44 16.15
C ILE A 380 7.36 -10.96 16.51
N PRO A 381 8.49 -10.51 17.05
CA PRO A 381 8.62 -9.09 17.42
C PRO A 381 8.48 -8.22 16.17
N VAL A 382 8.06 -6.98 16.35
CA VAL A 382 7.90 -6.06 15.24
C VAL A 382 8.60 -4.74 15.54
N CYS A 383 9.06 -4.07 14.48
CA CYS A 383 9.70 -2.77 14.61
C CYS A 383 8.64 -1.74 14.22
N ALA A 384 8.29 -0.87 15.17
CA ALA A 384 7.27 0.16 14.93
C ALA A 384 7.35 1.28 15.96
N GLU A 385 6.70 2.40 15.67
CA GLU A 385 6.71 3.53 16.57
C GLU A 385 5.44 3.65 17.39
N PRO A 386 5.54 4.22 18.60
CA PRO A 386 4.31 4.37 19.40
C PRO A 386 3.41 5.24 18.53
N GLY A 387 2.11 4.97 18.53
CA GLY A 387 1.21 5.76 17.70
C GLY A 387 0.93 5.12 16.36
N ASP A 388 1.75 4.16 15.95
CA ASP A 388 1.52 3.49 14.67
C ASP A 388 0.25 2.66 14.72
N ARG A 389 -0.38 2.52 13.55
CA ARG A 389 -1.63 1.77 13.45
C ARG A 389 -1.39 0.30 13.12
N VAL A 390 -2.11 -0.58 13.81
CA VAL A 390 -2.00 -2.02 13.64
C VAL A 390 -3.35 -2.62 13.25
N ALA A 391 -3.41 -3.33 12.14
CA ALA A 391 -4.66 -3.97 11.70
C ALA A 391 -4.89 -5.24 12.53
N ILE A 392 -6.10 -5.40 13.06
CA ILE A 392 -6.42 -6.57 13.87
C ILE A 392 -7.38 -7.51 13.19
N SER A 393 -6.99 -8.77 13.06
CA SER A 393 -7.83 -9.77 12.42
C SER A 393 -8.13 -10.94 13.35
N ARG A 394 -9.33 -11.50 13.22
CA ARG A 394 -9.78 -12.61 14.04
C ARG A 394 -10.04 -13.83 13.16
N GLN A 395 -9.60 -15.00 13.61
CA GLN A 395 -9.82 -16.20 12.80
C GLN A 395 -11.26 -16.63 12.95
N ILE A 396 -12.02 -16.43 11.88
CA ILE A 396 -13.42 -16.80 11.85
C ILE A 396 -13.53 -18.15 11.17
N GLY A 397 -13.85 -19.16 11.95
CA GLY A 397 -13.96 -20.51 11.42
C GLY A 397 -12.62 -21.04 10.99
N SER A 398 -12.14 -20.60 9.84
CA SER A 398 -10.86 -21.05 9.32
C SER A 398 -10.21 -19.98 8.46
N ARG A 399 -10.73 -18.76 8.52
CA ARG A 399 -10.17 -17.67 7.73
C ARG A 399 -10.03 -16.41 8.56
N TRP A 400 -8.89 -15.75 8.45
CA TRP A 400 -8.67 -14.53 9.19
C TRP A 400 -9.54 -13.42 8.64
N ARG A 401 -10.23 -12.71 9.54
CA ARG A 401 -11.10 -11.62 9.14
C ARG A 401 -10.77 -10.35 9.92
N LEU A 402 -10.66 -9.24 9.19
CA LEU A 402 -10.34 -7.95 9.78
C LEU A 402 -11.48 -7.51 10.68
N ILE A 403 -11.17 -7.14 11.93
CA ILE A 403 -12.21 -6.68 12.85
C ILE A 403 -11.96 -5.27 13.38
N GLY A 404 -10.78 -4.73 13.13
CA GLY A 404 -10.49 -3.38 13.60
C GLY A 404 -9.00 -3.08 13.54
N TYR A 405 -8.59 -2.07 14.29
CA TYR A 405 -7.18 -1.68 14.32
C TYR A 405 -6.83 -1.15 15.69
N GLY A 406 -5.55 -1.18 16.01
CA GLY A 406 -5.15 -0.66 17.31
C GLY A 406 -4.07 0.38 17.13
N ILE A 407 -3.89 1.23 18.12
CA ILE A 407 -2.84 2.25 18.09
C ILE A 407 -1.86 1.83 19.16
N ILE A 408 -0.59 1.69 18.81
CA ILE A 408 0.43 1.29 19.75
C ILE A 408 0.63 2.36 20.84
N LYS A 409 0.60 1.95 22.10
CA LYS A 409 0.81 2.87 23.21
C LYS A 409 2.07 2.48 23.99
N GLU A 410 2.65 3.42 24.73
CA GLU A 410 3.83 3.13 25.53
C GLU A 410 3.41 2.76 26.96
ZN ZN B . -1.83 15.21 -28.54
MG MG C . -8.81 -6.64 -9.45
PB GDP D . -11.80 -5.35 -10.00
O1B GDP D . -12.52 -6.58 -9.67
O2B GDP D . -12.28 -4.09 -9.36
O3B GDP D . -10.32 -5.28 -9.59
O3A GDP D . -12.05 -4.95 -11.65
PA GDP D . -11.67 -5.94 -12.90
O1A GDP D . -10.76 -4.95 -13.56
O2A GDP D . -11.12 -7.30 -12.72
O5' GDP D . -13.05 -5.82 -13.71
C5' GDP D . -14.22 -6.57 -13.47
C4' GDP D . -14.82 -6.98 -14.82
O4' GDP D . -15.51 -5.90 -15.57
C3' GDP D . -13.78 -7.50 -15.90
O3' GDP D . -14.48 -8.56 -16.61
C2' GDP D . -13.54 -6.32 -16.83
O2' GDP D . -13.20 -6.66 -18.16
C1' GDP D . -14.84 -5.56 -16.77
N9 GDP D . -14.61 -4.07 -16.91
C8 GDP D . -13.70 -3.20 -16.35
N7 GDP D . -13.84 -1.97 -16.78
C5 GDP D . -14.91 -2.01 -17.67
C6 GDP D . -15.53 -0.99 -18.48
O6 GDP D . -15.22 0.21 -18.54
N1 GDP D . -16.61 -1.50 -19.25
C2 GDP D . -17.03 -2.83 -19.26
N2 GDP D . -18.06 -3.10 -20.05
N3 GDP D . -16.45 -3.80 -18.51
C4 GDP D . -15.41 -3.30 -17.77
#